data_6BKB
#
_entry.id   6BKB
#
_cell.length_a   60.922
_cell.length_b   67.559
_cell.length_c   218.353
_cell.angle_alpha   90.00
_cell.angle_beta   90.00
_cell.angle_gamma   90.00
#
_symmetry.space_group_name_H-M   'P 21 21 21'
#
loop_
_entity.id
_entity.type
_entity.pdbx_description
1 polymer 'Fab AR3A heavy chain'
2 polymer Polyprotein
3 polymer 'Fab AR3A light chain'
4 branched 2-acetamido-2-deoxy-beta-D-glucopyranose-(1-4)-2-acetamido-2-deoxy-beta-D-glucopyranose
5 non-polymer 2-acetamido-2-deoxy-beta-D-glucopyranose
6 water water
#
loop_
_entity_poly.entity_id
_entity_poly.type
_entity_poly.pdbx_seq_one_letter_code
_entity_poly.pdbx_strand_id
1 'polypeptide(L)'
;VQLLEQSGAEVKTPGSSVRVSCRPPGGNFNSYSINWVRQAPGHGLEWVGTFIPMFGTSKYAQKFQGRVTITADGSSGTAY
MDLNSLRSDDTAFYYCVRPETPRYCSGGFCYGEFDNWGQGTLVTVSSASTKGPSVFPLAPSSKSTSGGTAALGCLVKDYF
PEPVTVSWNSGALTSGVHTFPAVLQSSGLYSLSSVVTVPSSSLGTQTYICNVNHKPSNTKVDKKVEPKSCGS
;
H
2 'polypeptide(L)'
;QLINTNGSWHINRTALNCNDSLQTGFITSLFYAKNVDSSGCPERMAACGSSGCWHYAPRPCDVVSARTVCGPVYCFTPSP
VVVGTTDKLGIPTYNWGENETDVFMLESLRPPTGGWFGCTWMNSTGFTKTCGAPPGGPTDGGSGPWITPRCLVDYPYRLW
HYPCTVNFTLHKVRMFVGGIEHRFDAACN
;
E
3 'polypeptide(L)'
;ELTLTQSPGTLSLSPGKRATLSCRASQSVSGSYLAWYQQKPGQAPRLLIYGASNRATGIPHRFSGSGSGTDFTLTISRLE
PEDFAVYYCQQYGSSPTFGQGTRVDIKRTVAAPSVFIFPPSDEQLKSGTASVVCLLNNFYPREAKVQWKVDNALQSGNSQ
ESVTEQDSKDSTYSLSSTLTLSKADYEKHKVYACEVTHQGLSSPVTKSFNRGEC
;
L
#
loop_
_chem_comp.id
_chem_comp.type
_chem_comp.name
_chem_comp.formula
NAG D-saccharide, beta linking 2-acetamido-2-deoxy-beta-D-glucopyranose 'C8 H15 N O6'
#
# COMPACT_ATOMS: atom_id res chain seq x y z
N GLN A 2 -0.72 17.55 -2.07
CA GLN A 2 -0.81 16.48 -3.06
C GLN A 2 -1.48 15.24 -2.44
N LEU A 3 -1.79 15.32 -1.15
CA LEU A 3 -2.43 14.23 -0.43
C LEU A 3 -3.90 14.55 -0.24
N LEU A 4 -4.77 13.59 -0.58
CA LEU A 4 -6.21 13.81 -0.48
C LEU A 4 -6.65 13.87 0.97
N GLU A 5 -7.73 14.62 1.21
CA GLU A 5 -8.24 14.83 2.56
C GLU A 5 -9.14 13.69 2.96
N GLN A 6 -8.88 13.11 4.14
CA GLN A 6 -9.67 12.01 4.68
C GLN A 6 -10.24 12.39 6.03
N SER A 7 -11.20 11.59 6.50
CA SER A 7 -11.80 11.82 7.80
C SER A 7 -10.77 11.63 8.91
N GLY A 8 -11.04 12.26 10.06
CA GLY A 8 -10.11 12.19 11.17
C GLY A 8 -10.04 10.81 11.79
N ALA A 9 -9.03 10.63 12.64
CA ALA A 9 -8.84 9.37 13.33
C ALA A 9 -9.99 9.09 14.29
N GLU A 10 -10.29 7.82 14.49
CA GLU A 10 -11.39 7.41 15.35
C GLU A 10 -11.01 6.17 16.15
N VAL A 11 -11.60 6.05 17.32
CA VAL A 11 -11.49 4.86 18.16
C VAL A 11 -12.89 4.28 18.32
N LYS A 12 -13.03 2.98 18.02
CA LYS A 12 -14.32 2.33 18.01
C LYS A 12 -14.25 1.02 18.81
N THR A 13 -15.35 0.70 19.49
CA THR A 13 -15.44 -0.53 20.24
C THR A 13 -15.55 -1.72 19.30
N PRO A 14 -15.18 -2.91 19.76
CA PRO A 14 -15.35 -4.11 18.92
C PRO A 14 -16.81 -4.33 18.55
N GLY A 15 -17.04 -4.71 17.30
CA GLY A 15 -18.39 -4.89 16.80
C GLY A 15 -19.06 -3.62 16.30
N SER A 16 -18.43 -2.46 16.46
CA SER A 16 -19.01 -1.20 16.01
C SER A 16 -18.84 -1.03 14.50
N SER A 17 -18.79 0.22 14.03
CA SER A 17 -18.65 0.48 12.61
C SER A 17 -18.01 1.84 12.39
N VAL A 18 -17.00 1.88 11.52
CA VAL A 18 -16.32 3.12 11.16
C VAL A 18 -16.80 3.55 9.77
N ARG A 19 -16.84 4.85 9.54
CA ARG A 19 -17.07 5.42 8.22
C ARG A 19 -16.02 6.49 7.97
N VAL A 20 -15.06 6.19 7.10
CA VAL A 20 -14.00 7.12 6.75
C VAL A 20 -14.28 7.69 5.37
N SER A 21 -13.99 8.97 5.17
CA SER A 21 -14.31 9.69 3.95
C SER A 21 -13.05 9.92 3.13
N CYS A 22 -13.24 10.47 1.93
CA CYS A 22 -12.15 10.73 1.00
C CYS A 22 -12.56 11.89 0.11
N ARG A 23 -11.78 12.97 0.13
CA ARG A 23 -12.21 14.21 -0.52
C ARG A 23 -11.33 14.53 -1.72
N PRO A 24 -11.92 14.74 -2.89
CA PRO A 24 -11.11 15.11 -4.07
C PRO A 24 -10.59 16.53 -3.95
N PRO A 25 -9.52 16.87 -4.67
CA PRO A 25 -8.97 18.23 -4.65
C PRO A 25 -9.75 19.20 -5.55
N ASN A 28 -10.59 20.92 -11.29
CA ASN A 28 -10.79 19.72 -12.10
C ASN A 28 -10.01 18.55 -11.52
N PHE A 29 -10.62 17.38 -11.52
CA PHE A 29 -10.01 16.18 -10.96
C PHE A 29 -10.51 14.96 -11.74
N ASN A 30 -9.59 14.04 -12.05
CA ASN A 30 -9.88 12.88 -12.87
C ASN A 30 -9.43 11.61 -12.16
N SER A 31 -10.35 10.65 -12.04
CA SER A 31 -10.07 9.35 -11.46
C SER A 31 -11.17 8.39 -11.90
N TYR A 32 -10.82 7.10 -11.96
CA TYR A 32 -11.75 6.09 -12.48
C TYR A 32 -12.29 5.15 -11.42
N SER A 33 -11.70 5.11 -10.23
CA SER A 33 -12.16 4.16 -9.21
C SER A 33 -11.79 4.69 -7.83
N ILE A 34 -12.31 4.01 -6.82
CA ILE A 34 -12.03 4.30 -5.41
C ILE A 34 -11.41 3.06 -4.80
N ASN A 35 -10.16 3.17 -4.34
CA ASN A 35 -9.47 2.09 -3.67
C ASN A 35 -9.27 2.41 -2.21
N TRP A 36 -9.02 1.37 -1.42
CA TRP A 36 -8.73 1.53 0.01
C TRP A 36 -7.64 0.55 0.40
N VAL A 37 -6.51 1.09 0.85
CA VAL A 37 -5.36 0.31 1.27
C VAL A 37 -5.16 0.54 2.76
N ARG A 38 -4.97 -0.54 3.51
CA ARG A 38 -4.79 -0.44 4.96
C ARG A 38 -3.45 -1.04 5.36
N GLN A 39 -2.98 -0.62 6.54
CA GLN A 39 -1.69 -1.06 7.04
C GLN A 39 -1.76 -1.14 8.56
N ALA A 40 -1.71 -2.36 9.09
CA ALA A 40 -1.70 -2.53 10.53
C ALA A 40 -0.40 -2.00 11.12
N PRO A 41 -0.40 -1.61 12.39
CA PRO A 41 0.84 -1.13 13.03
C PRO A 41 1.94 -2.17 12.96
N GLY A 42 3.02 -1.82 12.26
CA GLY A 42 4.14 -2.73 12.12
C GLY A 42 3.98 -3.79 11.06
N HIS A 43 3.16 -3.52 10.05
CA HIS A 43 2.90 -4.47 8.97
C HIS A 43 3.04 -3.78 7.63
N GLY A 44 2.87 -4.56 6.56
CA GLY A 44 2.89 -4.03 5.21
C GLY A 44 1.51 -3.60 4.76
N LEU A 45 1.42 -3.28 3.47
CA LEU A 45 0.17 -2.78 2.91
C LEU A 45 -0.77 -3.93 2.58
N GLU A 46 -2.03 -3.78 2.96
CA GLU A 46 -3.10 -4.69 2.57
C GLU A 46 -4.09 -3.96 1.70
N TRP A 47 -4.67 -4.68 0.74
CA TRP A 47 -5.67 -4.12 -0.17
C TRP A 47 -7.06 -4.43 0.37
N VAL A 48 -7.72 -3.40 0.90
CA VAL A 48 -9.16 -3.47 1.13
C VAL A 48 -9.80 -3.21 -0.23
N GLY A 49 -11.11 -3.40 -0.32
CA GLY A 49 -11.77 -3.48 -1.62
C GLY A 49 -11.64 -2.23 -2.46
N THR A 50 -12.08 -2.37 -3.71
CA THR A 50 -12.16 -1.26 -4.65
C THR A 50 -13.61 -1.06 -5.09
N PHE A 51 -13.87 0.09 -5.69
CA PHE A 51 -15.21 0.41 -6.19
C PHE A 51 -15.06 1.41 -7.33
N ILE A 52 -15.53 1.02 -8.51
CA ILE A 52 -15.39 1.84 -9.71
C ILE A 52 -16.76 2.51 -9.98
N PRO A 53 -16.83 3.84 -9.90
CA PRO A 53 -18.17 4.48 -9.92
C PRO A 53 -18.82 4.49 -11.29
N MET A 54 -18.02 4.65 -12.37
CA MET A 54 -18.60 4.72 -13.70
C MET A 54 -19.40 3.48 -14.05
N PHE A 55 -18.99 2.32 -13.54
CA PHE A 55 -19.68 1.07 -13.81
C PHE A 55 -20.51 0.56 -12.64
N GLY A 56 -20.38 1.16 -11.46
CA GLY A 56 -21.15 0.75 -10.31
C GLY A 56 -20.77 -0.59 -9.72
N THR A 57 -19.69 -1.20 -10.19
CA THR A 57 -19.24 -2.49 -9.68
C THR A 57 -18.16 -2.29 -8.63
N SER A 58 -17.92 -3.34 -7.85
CA SER A 58 -16.97 -3.24 -6.75
C SER A 58 -16.44 -4.62 -6.40
N LYS A 59 -15.20 -4.64 -5.91
CA LYS A 59 -14.54 -5.86 -5.44
C LYS A 59 -14.06 -5.65 -4.02
N TYR A 60 -13.93 -6.75 -3.29
CA TYR A 60 -13.43 -6.73 -1.92
C TYR A 60 -12.57 -7.97 -1.68
N ALA A 61 -11.79 -7.96 -0.61
CA ALA A 61 -10.93 -9.07 -0.26
C ALA A 61 -11.70 -10.09 0.58
N GLN A 62 -11.09 -11.28 0.72
CA GLN A 62 -11.76 -12.38 1.42
C GLN A 62 -12.06 -12.03 2.88
N LYS A 63 -11.06 -11.48 3.58
CA LYS A 63 -11.27 -11.13 4.99
C LYS A 63 -12.30 -10.03 5.15
N PHE A 64 -12.34 -9.08 4.21
CA PHE A 64 -13.21 -7.92 4.32
C PHE A 64 -14.56 -8.10 3.63
N GLN A 65 -14.71 -9.13 2.78
CA GLN A 65 -15.90 -9.25 1.94
C GLN A 65 -17.20 -9.22 2.74
N GLY A 66 -17.17 -9.76 3.96
CA GLY A 66 -18.36 -9.87 4.77
C GLY A 66 -18.72 -8.64 5.59
N ARG A 67 -17.99 -7.52 5.43
CA ARG A 67 -18.29 -6.38 6.30
C ARG A 67 -17.78 -5.05 5.77
N VAL A 68 -17.43 -4.90 4.50
CA VAL A 68 -16.96 -3.63 3.97
C VAL A 68 -17.71 -3.30 2.69
N THR A 69 -18.05 -2.02 2.53
CA THR A 69 -18.58 -1.49 1.28
C THR A 69 -17.93 -0.15 1.01
N ILE A 70 -17.88 0.22 -0.27
CA ILE A 70 -17.26 1.47 -0.70
C ILE A 70 -18.17 2.13 -1.71
N THR A 71 -18.49 3.41 -1.48
CA THR A 71 -19.43 4.14 -2.31
C THR A 71 -18.90 5.55 -2.52
N ALA A 72 -19.70 6.38 -3.18
CA ALA A 72 -19.36 7.78 -3.43
C ALA A 72 -20.61 8.60 -3.66
N THR A 78 -16.69 13.05 -3.52
CA THR A 78 -16.37 12.52 -2.19
C THR A 78 -16.75 11.05 -2.10
N ALA A 79 -15.80 10.21 -1.68
CA ALA A 79 -15.99 8.78 -1.56
C ALA A 79 -15.95 8.36 -0.09
N TYR A 80 -16.48 7.18 0.18
CA TYR A 80 -16.64 6.69 1.54
C TYR A 80 -16.32 5.20 1.60
N MET A 81 -15.93 4.76 2.80
CA MET A 81 -15.66 3.35 3.08
C MET A 81 -16.13 3.04 4.48
N ASP A 82 -16.83 1.92 4.64
CA ASP A 82 -17.41 1.53 5.92
C ASP A 82 -17.01 0.11 6.25
N LEU A 83 -16.57 -0.11 7.49
CA LEU A 83 -16.33 -1.43 8.03
C LEU A 83 -17.33 -1.70 9.14
N ASN A 84 -17.86 -2.93 9.18
CA ASN A 84 -18.74 -3.37 10.25
C ASN A 84 -18.10 -4.55 10.97
N SER A 85 -18.73 -4.96 12.07
CA SER A 85 -18.28 -6.12 12.85
C SER A 85 -16.78 -6.02 13.16
N LEU A 86 -16.37 -4.87 13.69
CA LEU A 86 -14.94 -4.61 13.85
C LEU A 86 -14.34 -5.53 14.91
N ARG A 87 -13.14 -6.04 14.62
CA ARG A 87 -12.33 -6.76 15.58
C ARG A 87 -11.01 -6.02 15.76
N SER A 88 -10.23 -6.47 16.75
CA SER A 88 -8.96 -5.80 17.05
C SER A 88 -7.98 -5.89 15.89
N ASP A 89 -8.14 -6.88 15.00
CA ASP A 89 -7.28 -6.99 13.83
C ASP A 89 -7.45 -5.83 12.86
N ASP A 90 -8.59 -5.13 12.92
CA ASP A 90 -8.85 -4.00 12.04
C ASP A 90 -8.20 -2.71 12.54
N THR A 91 -7.39 -2.78 13.59
CA THR A 91 -6.59 -1.63 14.00
C THR A 91 -5.51 -1.40 12.96
N ALA A 92 -5.63 -0.30 12.19
CA ALA A 92 -4.72 -0.04 11.09
C ALA A 92 -4.92 1.39 10.60
N PHE A 93 -3.96 1.85 9.80
CA PHE A 93 -4.10 3.08 9.03
C PHE A 93 -4.78 2.75 7.70
N TYR A 94 -5.76 3.57 7.33
CA TYR A 94 -6.57 3.32 6.13
C TYR A 94 -6.41 4.48 5.16
N TYR A 95 -5.88 4.17 3.97
CA TYR A 95 -5.68 5.16 2.91
C TYR A 95 -6.67 4.90 1.79
N CYS A 96 -7.21 5.98 1.22
CA CYS A 96 -7.96 5.91 -0.01
C CYS A 96 -7.07 6.33 -1.18
N VAL A 97 -7.25 5.67 -2.32
CA VAL A 97 -6.51 5.99 -3.53
C VAL A 97 -7.50 6.20 -4.67
N ARG A 98 -7.38 7.33 -5.35
CA ARG A 98 -8.17 7.59 -6.55
C ARG A 98 -7.22 7.62 -7.75
N PRO A 99 -6.83 6.46 -8.27
CA PRO A 99 -5.88 6.44 -9.39
C PRO A 99 -6.49 7.02 -10.65
N GLU A 100 -5.61 7.45 -11.56
CA GLU A 100 -6.03 8.22 -12.72
C GLU A 100 -6.18 7.36 -13.99
N THR A 101 -5.18 6.54 -14.31
CA THR A 101 -5.15 5.84 -15.59
C THR A 101 -5.32 4.34 -15.38
N PRO A 102 -6.36 3.72 -15.94
CA PRO A 102 -6.50 2.27 -15.84
C PRO A 102 -5.57 1.56 -16.81
N ARG A 103 -5.07 0.40 -16.38
CA ARG A 103 -4.15 -0.40 -17.19
C ARG A 103 -4.72 -1.76 -17.60
N TYR A 104 -5.54 -2.38 -16.75
CA TYR A 104 -6.03 -3.73 -17.03
C TYR A 104 -7.51 -3.80 -16.66
N CYS A 105 -8.37 -3.86 -17.66
CA CYS A 105 -9.80 -4.05 -17.47
C CYS A 105 -10.19 -5.45 -17.93
N SER A 106 -11.23 -6.01 -17.30
CA SER A 106 -11.67 -7.35 -17.64
C SER A 106 -13.11 -7.61 -17.22
N GLY A 107 -13.95 -6.58 -17.25
CA GLY A 107 -15.38 -6.74 -17.05
C GLY A 107 -15.81 -7.25 -15.69
N GLY A 108 -16.32 -6.35 -14.85
CA GLY A 108 -16.46 -4.96 -15.21
C GLY A 108 -15.60 -4.07 -14.33
N PHE A 109 -14.36 -4.49 -14.12
CA PHE A 109 -13.40 -3.75 -13.31
C PHE A 109 -12.22 -3.31 -14.17
N CYS A 110 -11.47 -2.33 -13.66
CA CYS A 110 -10.27 -1.86 -14.30
C CYS A 110 -9.19 -1.70 -13.25
N TYR A 111 -8.04 -2.34 -13.45
CA TYR A 111 -6.94 -2.30 -12.50
C TYR A 111 -5.82 -1.40 -13.02
N GLY A 112 -5.29 -0.58 -12.13
CA GLY A 112 -4.18 0.29 -12.46
C GLY A 112 -3.26 0.51 -11.28
N GLU A 113 -2.29 1.40 -11.46
CA GLU A 113 -1.32 1.69 -10.41
C GLU A 113 -1.86 2.80 -9.51
N PHE A 114 -1.75 2.59 -8.20
CA PHE A 114 -2.22 3.57 -7.22
C PHE A 114 -1.48 4.89 -7.41
N ASP A 115 -2.24 5.98 -7.52
CA ASP A 115 -1.70 7.24 -8.00
C ASP A 115 -1.80 8.35 -6.98
N ASN A 116 -3.02 8.73 -6.59
CA ASN A 116 -3.28 9.87 -5.71
C ASN A 116 -3.75 9.35 -4.35
N TRP A 117 -2.82 9.23 -3.41
CA TRP A 117 -3.09 8.70 -2.10
C TRP A 117 -3.64 9.78 -1.17
N GLY A 118 -4.45 9.34 -0.20
CA GLY A 118 -4.90 10.22 0.84
C GLY A 118 -3.92 10.29 1.99
N GLN A 119 -4.14 11.28 2.86
CA GLN A 119 -3.24 11.47 4.00
C GLN A 119 -3.23 10.28 4.94
N GLY A 120 -4.30 9.48 4.95
CA GLY A 120 -4.43 8.38 5.87
C GLY A 120 -5.40 8.69 7.00
N THR A 121 -5.74 7.64 7.75
CA THR A 121 -6.67 7.77 8.86
C THR A 121 -6.49 6.59 9.79
N LEU A 122 -6.18 6.86 11.06
CA LEU A 122 -6.02 5.80 12.04
C LEU A 122 -7.36 5.33 12.56
N VAL A 123 -7.53 4.02 12.66
CA VAL A 123 -8.72 3.40 13.24
C VAL A 123 -8.25 2.39 14.27
N THR A 124 -8.62 2.62 15.53
CA THR A 124 -8.20 1.76 16.64
C THR A 124 -9.43 1.06 17.21
N VAL A 125 -9.38 -0.27 17.25
CA VAL A 125 -10.45 -1.08 17.82
C VAL A 125 -10.02 -1.48 19.22
N SER A 126 -10.53 -0.76 20.21
CA SER A 126 -10.19 -1.03 21.60
C SER A 126 -11.37 -0.66 22.48
N SER A 127 -11.77 -1.59 23.35
CA SER A 127 -12.85 -1.35 24.29
C SER A 127 -12.39 -0.58 25.53
N ALA A 128 -11.10 -0.32 25.67
CA ALA A 128 -10.60 0.44 26.81
C ALA A 128 -10.92 1.92 26.66
N SER A 129 -10.89 2.63 27.79
CA SER A 129 -11.13 4.06 27.83
C SER A 129 -9.90 4.76 28.39
N THR A 130 -9.98 6.09 28.43
CA THR A 130 -8.83 6.91 28.83
C THR A 130 -8.34 6.55 30.22
N LYS A 131 -7.04 6.28 30.33
CA LYS A 131 -6.42 5.95 31.61
C LYS A 131 -4.98 6.45 31.60
N GLY A 132 -4.60 7.13 32.68
CA GLY A 132 -3.25 7.61 32.84
C GLY A 132 -2.28 6.46 33.08
N PRO A 133 -1.00 6.69 32.79
CA PRO A 133 0.00 5.64 32.96
C PRO A 133 0.53 5.57 34.39
N SER A 134 1.17 4.43 34.68
CA SER A 134 1.92 4.23 35.91
C SER A 134 3.39 4.17 35.54
N VAL A 135 4.20 5.03 36.14
CA VAL A 135 5.61 5.16 35.80
C VAL A 135 6.42 4.41 36.84
N PHE A 136 7.15 3.38 36.41
CA PHE A 136 7.99 2.59 37.30
C PHE A 136 9.46 2.76 36.94
N PRO A 137 10.35 2.73 37.92
CA PRO A 137 11.77 2.97 37.63
C PRO A 137 12.51 1.72 37.17
N LEU A 138 13.20 1.83 36.03
CA LEU A 138 14.17 0.83 35.60
C LEU A 138 15.51 1.28 36.16
N ALA A 139 15.87 0.73 37.31
CA ALA A 139 16.96 1.22 38.15
C ALA A 139 18.31 0.71 37.66
N PRO A 140 19.35 1.54 37.74
CA PRO A 140 20.70 1.07 37.44
C PRO A 140 21.23 0.20 38.57
N SER A 141 22.36 -0.45 38.29
CA SER A 141 23.01 -1.32 39.26
C SER A 141 24.47 -1.47 38.88
N SER A 142 25.17 -2.39 39.55
CA SER A 142 26.57 -2.66 39.27
C SER A 142 26.71 -3.65 38.11
N LYS A 143 26.14 -3.25 36.97
CA LYS A 143 26.15 -4.06 35.75
C LYS A 143 26.61 -3.18 34.59
N SER A 144 27.90 -2.86 34.59
CA SER A 144 28.52 -2.09 33.51
C SER A 144 28.98 -3.06 32.44
N THR A 145 28.22 -3.13 31.34
CA THR A 145 28.51 -4.14 30.32
C THR A 145 29.63 -3.72 29.37
N SER A 146 29.83 -2.42 29.19
CA SER A 146 30.82 -1.95 28.22
C SER A 146 31.35 -0.60 28.68
N GLY A 147 32.62 -0.57 29.08
CA GLY A 147 33.29 0.69 29.38
C GLY A 147 32.63 1.51 30.47
N GLY A 148 32.18 0.86 31.55
CA GLY A 148 31.59 1.59 32.65
C GLY A 148 30.40 2.44 32.26
N THR A 149 29.51 1.90 31.42
CA THR A 149 28.27 2.57 31.10
C THR A 149 27.14 1.90 31.89
N ALA A 150 26.18 2.71 32.32
CA ALA A 150 25.06 2.24 33.13
C ALA A 150 23.76 2.58 32.43
N ALA A 151 22.80 1.68 32.51
CA ALA A 151 21.50 1.86 31.87
C ALA A 151 20.41 1.98 32.92
N LEU A 152 19.58 3.00 32.77
CA LEU A 152 18.42 3.21 33.62
C LEU A 152 17.28 3.70 32.74
N GLY A 153 16.07 3.72 33.30
CA GLY A 153 14.94 4.19 32.51
C GLY A 153 13.67 4.18 33.31
N CYS A 154 12.57 4.39 32.59
CA CYS A 154 11.24 4.44 33.16
C CYS A 154 10.29 3.56 32.36
N LEU A 155 9.48 2.78 33.06
CA LEU A 155 8.46 1.96 32.44
C LEU A 155 7.12 2.69 32.53
N VAL A 156 6.67 3.19 31.39
CA VAL A 156 5.38 3.89 31.29
C VAL A 156 4.36 2.84 30.86
N LYS A 157 3.58 2.33 31.81
CA LYS A 157 2.76 1.14 31.62
C LYS A 157 1.27 1.44 31.83
N ASP A 158 0.45 0.76 31.03
CA ASP A 158 -1.01 0.75 31.19
C ASP A 158 -1.61 2.15 31.04
N TYR A 159 -1.47 2.71 29.83
CA TYR A 159 -2.07 3.98 29.50
C TYR A 159 -2.88 3.86 28.23
N PHE A 160 -3.93 4.66 28.13
CA PHE A 160 -4.78 4.70 26.96
C PHE A 160 -5.39 6.09 26.89
N PRO A 161 -5.45 6.70 25.70
CA PRO A 161 -4.91 6.14 24.47
C PRO A 161 -3.51 6.65 24.17
N GLU A 162 -3.01 6.33 22.98
CA GLU A 162 -1.83 6.98 22.45
C GLU A 162 -2.10 8.47 22.32
N PRO A 163 -1.08 9.33 22.44
CA PRO A 163 0.34 9.09 22.71
C PRO A 163 0.79 9.50 24.10
N VAL A 164 1.97 9.03 24.49
CA VAL A 164 2.65 9.50 25.69
C VAL A 164 4.03 10.03 25.29
N THR A 165 4.48 11.08 25.97
CA THR A 165 5.76 11.69 25.70
C THR A 165 6.60 11.68 26.97
N VAL A 166 7.91 11.48 26.81
CA VAL A 166 8.82 11.40 27.95
C VAL A 166 10.12 12.10 27.59
N SER A 167 10.65 12.88 28.54
CA SER A 167 11.95 13.51 28.44
C SER A 167 12.77 13.15 29.68
N TRP A 168 14.01 13.63 29.73
CA TRP A 168 14.90 13.37 30.85
C TRP A 168 15.52 14.68 31.33
N ASN A 169 15.42 14.93 32.64
CA ASN A 169 15.94 16.15 33.26
C ASN A 169 15.36 17.40 32.59
N SER A 170 14.06 17.35 32.27
CA SER A 170 13.33 18.48 31.68
C SER A 170 13.97 18.94 30.37
N GLY A 171 14.56 18.02 29.62
CA GLY A 171 15.19 18.32 28.35
C GLY A 171 16.69 18.46 28.40
N ALA A 172 17.27 18.58 29.59
CA ALA A 172 18.71 18.75 29.72
C ALA A 172 19.48 17.47 29.40
N LEU A 173 18.82 16.32 29.34
CA LEU A 173 19.47 15.04 29.03
C LEU A 173 18.80 14.45 27.80
N THR A 174 19.40 14.71 26.64
CA THR A 174 18.95 14.12 25.38
C THR A 174 19.92 13.08 24.83
N SER A 175 21.21 13.23 25.11
CA SER A 175 22.21 12.27 24.64
C SER A 175 22.05 10.95 25.36
N GLY A 176 22.09 9.86 24.60
CA GLY A 176 22.00 8.53 25.16
C GLY A 176 20.59 8.04 25.46
N VAL A 177 19.57 8.85 25.17
CA VAL A 177 18.19 8.50 25.49
C VAL A 177 17.57 7.72 24.34
N HIS A 178 16.94 6.59 24.67
CA HIS A 178 16.18 5.79 23.71
C HIS A 178 14.76 5.62 24.25
N THR A 179 13.81 6.33 23.64
CA THR A 179 12.39 6.18 23.97
C THR A 179 11.77 5.24 22.93
N PHE A 180 11.50 4.01 23.34
CA PHE A 180 11.04 2.99 22.43
C PHE A 180 9.60 3.25 21.99
N PRO A 181 9.21 2.74 20.82
CA PRO A 181 7.81 2.86 20.39
C PRO A 181 6.88 2.16 21.36
N ALA A 182 5.63 2.63 21.40
CA ALA A 182 4.64 2.04 22.27
C ALA A 182 4.23 0.65 21.78
N VAL A 183 3.81 -0.20 22.71
CA VAL A 183 3.39 -1.56 22.42
C VAL A 183 2.02 -1.80 23.03
N LEU A 184 1.09 -2.27 22.21
CA LEU A 184 -0.26 -2.56 22.69
C LEU A 184 -0.29 -3.92 23.37
N GLN A 185 -0.63 -3.94 24.65
CA GLN A 185 -0.60 -5.17 25.43
C GLN A 185 -1.87 -5.99 25.19
N SER A 186 -1.86 -7.22 25.72
CA SER A 186 -3.00 -8.12 25.58
C SER A 186 -4.25 -7.57 26.25
N SER A 187 -4.10 -6.64 27.19
CA SER A 187 -5.22 -6.05 27.90
C SER A 187 -5.80 -4.83 27.19
N GLY A 188 -5.32 -4.52 25.99
CA GLY A 188 -5.79 -3.34 25.27
C GLY A 188 -5.22 -2.03 25.76
N LEU A 189 -4.29 -2.05 26.72
CA LEU A 189 -3.65 -0.85 27.22
C LEU A 189 -2.21 -0.78 26.71
N TYR A 190 -1.75 0.44 26.42
CA TYR A 190 -0.43 0.61 25.85
C TYR A 190 0.65 0.60 26.93
N SER A 191 1.88 0.38 26.49
CA SER A 191 3.03 0.31 27.38
C SER A 191 4.26 0.78 26.62
N LEU A 192 5.17 1.45 27.33
CA LEU A 192 6.29 2.11 26.70
C LEU A 192 7.42 2.23 27.71
N SER A 193 8.65 2.17 27.21
CA SER A 193 9.84 2.28 28.04
C SER A 193 10.81 3.28 27.42
N SER A 194 11.31 4.20 28.25
CA SER A 194 12.36 5.13 27.86
C SER A 194 13.59 4.85 28.69
N VAL A 195 14.73 4.68 28.02
CA VAL A 195 15.98 4.36 28.69
C VAL A 195 17.02 5.41 28.35
N VAL A 196 18.12 5.39 29.10
CA VAL A 196 19.25 6.29 28.87
C VAL A 196 20.50 5.66 29.47
N THR A 197 21.59 5.68 28.72
CA THR A 197 22.88 5.20 29.21
C THR A 197 23.67 6.38 29.78
N VAL A 198 24.23 6.18 30.97
CA VAL A 198 24.96 7.23 31.67
C VAL A 198 26.28 6.67 32.18
N PRO A 199 27.29 7.52 32.41
CA PRO A 199 28.54 7.01 32.98
C PRO A 199 28.31 6.39 34.35
N SER A 200 29.04 5.31 34.62
CA SER A 200 28.84 4.57 35.88
C SER A 200 29.24 5.40 37.08
N SER A 201 30.28 6.23 36.95
CA SER A 201 30.77 7.02 38.07
C SER A 201 29.81 8.14 38.48
N SER A 202 28.78 8.41 37.69
CA SER A 202 27.84 9.49 37.98
C SER A 202 26.51 8.99 38.55
N LEU A 203 26.45 7.73 39.01
CA LEU A 203 25.20 7.22 39.54
C LEU A 203 24.88 7.83 40.91
N GLY A 204 25.90 8.08 41.72
CA GLY A 204 25.67 8.66 43.03
C GLY A 204 25.79 10.16 43.11
N THR A 205 26.22 10.81 42.02
CA THR A 205 26.44 12.25 42.02
C THR A 205 25.47 13.02 41.13
N GLN A 206 24.87 12.37 40.13
CA GLN A 206 23.97 13.04 39.18
C GLN A 206 22.57 12.47 39.32
N THR A 207 21.56 13.35 39.24
CA THR A 207 20.16 12.99 39.41
C THR A 207 19.50 12.88 38.05
N TYR A 208 18.81 11.77 37.81
CA TYR A 208 18.13 11.50 36.55
C TYR A 208 16.63 11.36 36.80
N ILE A 209 15.84 12.18 36.11
CA ILE A 209 14.39 12.25 36.29
C ILE A 209 13.74 12.16 34.92
N CYS A 210 12.83 11.21 34.76
CA CYS A 210 12.06 11.09 33.52
C CYS A 210 10.74 11.84 33.66
N ASN A 211 10.39 12.59 32.62
CA ASN A 211 9.23 13.48 32.65
C ASN A 211 8.16 12.92 31.71
N VAL A 212 7.22 12.17 32.28
CA VAL A 212 6.16 11.52 31.52
C VAL A 212 4.97 12.47 31.42
N ASN A 213 4.33 12.49 30.24
CA ASN A 213 3.20 13.38 29.98
C ASN A 213 2.21 12.64 29.08
N HIS A 214 1.06 12.27 29.65
CA HIS A 214 -0.03 11.65 28.91
C HIS A 214 -1.17 12.67 28.88
N LYS A 215 -1.17 13.52 27.85
CA LYS A 215 -2.15 14.60 27.78
C LYS A 215 -3.61 14.15 27.73
N PRO A 216 -3.97 13.04 27.07
CA PRO A 216 -5.39 12.63 27.09
C PRO A 216 -5.99 12.53 28.49
N SER A 217 -5.34 11.81 29.41
CA SER A 217 -5.81 11.73 30.78
C SER A 217 -5.31 12.89 31.65
N ASN A 218 -4.48 13.77 31.10
CA ASN A 218 -3.84 14.86 31.84
C ASN A 218 -3.07 14.32 33.04
N THR A 219 -2.09 13.46 32.74
CA THR A 219 -1.25 12.83 33.76
C THR A 219 0.20 13.22 33.51
N LYS A 220 0.74 14.07 34.36
CA LYS A 220 2.16 14.42 34.35
C LYS A 220 2.84 13.80 35.55
N VAL A 221 3.97 13.13 35.32
CA VAL A 221 4.71 12.42 36.36
C VAL A 221 6.19 12.65 36.15
N ASP A 222 6.90 12.95 37.24
CA ASP A 222 8.36 13.04 37.25
C ASP A 222 8.87 11.99 38.24
N LYS A 223 9.53 10.96 37.71
CA LYS A 223 10.02 9.85 38.53
C LYS A 223 11.54 9.88 38.57
N LYS A 224 12.10 10.16 39.74
CA LYS A 224 13.53 10.09 39.94
C LYS A 224 13.97 8.62 39.97
N VAL A 225 14.86 8.25 39.05
CA VAL A 225 15.35 6.89 38.95
C VAL A 225 16.69 6.81 39.69
N GLU A 226 16.73 5.96 40.72
CA GLU A 226 17.89 5.81 41.58
C GLU A 226 18.38 4.37 41.57
N PRO A 227 19.67 4.13 41.82
CA PRO A 227 20.16 2.77 41.97
C PRO A 227 19.63 2.12 43.24
N LYS A 228 19.90 0.82 43.35
CA LYS A 228 19.45 -0.02 44.47
C LYS A 228 17.94 0.10 44.70
N HIS B 10 -27.88 -1.75 -19.39
CA HIS B 10 -27.51 -1.56 -20.79
C HIS B 10 -26.01 -1.31 -20.93
N ILE B 11 -25.35 -1.13 -19.78
CA ILE B 11 -23.91 -0.88 -19.78
C ILE B 11 -23.11 -2.19 -19.86
N ASN B 12 -23.65 -3.29 -19.34
CA ASN B 12 -22.98 -4.58 -19.43
C ASN B 12 -22.72 -5.00 -20.86
N ARG B 13 -23.49 -4.48 -21.81
CA ARG B 13 -23.38 -4.90 -23.20
C ARG B 13 -22.13 -4.37 -23.90
N THR B 14 -21.29 -3.62 -23.20
CA THR B 14 -20.05 -3.08 -23.76
C THR B 14 -18.90 -4.00 -23.37
N ALA B 15 -18.16 -4.48 -24.37
CA ALA B 15 -17.00 -5.31 -24.10
C ALA B 15 -15.91 -4.47 -23.43
N LEU B 16 -15.24 -5.07 -22.45
CA LEU B 16 -14.27 -4.36 -21.63
C LEU B 16 -13.01 -5.19 -21.43
N ASN B 17 -12.60 -5.93 -22.46
CA ASN B 17 -11.36 -6.70 -22.41
C ASN B 17 -10.22 -5.77 -22.81
N CYS B 18 -9.83 -4.91 -21.87
CA CYS B 18 -8.81 -3.89 -22.12
C CYS B 18 -7.50 -4.32 -21.47
N ASN B 19 -6.46 -4.47 -22.30
CA ASN B 19 -5.17 -5.01 -21.87
C ASN B 19 -4.05 -4.02 -22.19
N ASP B 20 -4.10 -2.83 -21.60
CA ASP B 20 -3.06 -1.83 -21.84
C ASP B 20 -1.71 -2.34 -21.37
N SER B 21 -0.98 -3.00 -22.28
CA SER B 21 0.29 -3.62 -21.95
C SER B 21 1.49 -2.72 -22.24
N LEU B 22 1.32 -1.65 -23.00
CA LEU B 22 2.42 -0.78 -23.37
C LEU B 22 2.45 0.52 -22.59
N GLN B 23 1.60 0.65 -21.57
CA GLN B 23 1.55 1.84 -20.71
C GLN B 23 1.28 3.10 -21.54
N THR B 24 0.24 3.04 -22.37
CA THR B 24 -0.16 4.18 -23.19
C THR B 24 -1.32 4.97 -22.61
N GLY B 25 -2.11 4.37 -21.73
CA GLY B 25 -3.25 5.06 -21.15
C GLY B 25 -4.38 5.32 -22.13
N PHE B 26 -4.58 4.42 -23.10
CA PHE B 26 -5.69 4.59 -24.03
C PHE B 26 -7.03 4.30 -23.38
N ILE B 27 -7.04 3.56 -22.27
CA ILE B 27 -8.29 3.22 -21.60
C ILE B 27 -8.87 4.39 -20.83
N THR B 28 -8.09 5.44 -20.60
CA THR B 28 -8.54 6.51 -19.72
C THR B 28 -9.69 7.31 -20.33
N SER B 29 -9.56 7.69 -21.61
CA SER B 29 -10.60 8.49 -22.26
C SER B 29 -11.92 7.74 -22.35
N LEU B 30 -11.94 6.43 -22.09
CA LEU B 30 -13.19 5.71 -21.97
C LEU B 30 -13.98 6.16 -20.75
N PHE B 31 -13.29 6.64 -19.72
CA PHE B 31 -13.94 7.21 -18.55
C PHE B 31 -14.11 8.72 -18.65
N TYR B 32 -13.19 9.40 -19.34
CA TYR B 32 -13.24 10.85 -19.50
C TYR B 32 -12.33 11.30 -20.64
N SER B 38 -1.26 11.57 -29.66
CA SER B 38 -1.78 12.76 -30.36
C SER B 38 -0.69 13.42 -31.20
N SER B 39 0.56 13.06 -30.94
CA SER B 39 1.71 13.63 -31.63
C SER B 39 2.20 12.80 -32.81
N GLY B 40 2.13 11.46 -32.70
CA GLY B 40 2.54 10.59 -33.78
C GLY B 40 1.77 10.79 -35.08
N CYS B 41 0.66 11.52 -35.04
CA CYS B 41 -0.09 11.84 -36.25
C CYS B 41 0.67 12.82 -37.14
N PRO B 58 -8.37 -5.36 -46.52
CA PRO B 58 -9.37 -5.27 -45.45
C PRO B 58 -9.91 -6.64 -45.04
N ARG B 59 -10.67 -6.69 -43.94
CA ARG B 59 -11.31 -7.91 -43.48
C ARG B 59 -12.82 -7.78 -43.57
N PRO B 60 -13.53 -8.88 -43.84
CA PRO B 60 -14.99 -8.81 -43.96
C PRO B 60 -15.66 -8.70 -42.59
N CYS B 61 -16.61 -7.78 -42.47
CA CYS B 61 -17.40 -7.67 -41.25
C CYS B 61 -18.30 -8.89 -41.10
N ASP B 62 -17.80 -9.94 -40.45
CA ASP B 62 -18.60 -11.11 -40.19
C ASP B 62 -18.87 -11.16 -38.70
N VAL B 63 -18.08 -11.91 -37.92
CA VAL B 63 -18.27 -12.02 -36.48
C VAL B 63 -16.91 -11.89 -35.81
N VAL B 64 -16.85 -11.11 -34.73
CA VAL B 64 -15.63 -10.97 -33.95
C VAL B 64 -15.91 -11.44 -32.53
N SER B 65 -14.90 -12.03 -31.90
CA SER B 65 -15.03 -12.50 -30.53
C SER B 65 -14.87 -11.32 -29.57
N ALA B 66 -15.80 -11.22 -28.61
CA ALA B 66 -15.81 -10.07 -27.71
C ALA B 66 -14.63 -10.06 -26.75
N ARG B 67 -13.99 -11.21 -26.52
CA ARG B 67 -12.84 -11.27 -25.62
C ARG B 67 -11.65 -10.52 -26.17
N THR B 68 -11.68 -10.07 -27.41
CA THR B 68 -10.60 -9.29 -28.00
C THR B 68 -10.94 -7.82 -28.14
N VAL B 69 -12.14 -7.41 -27.72
CA VAL B 69 -12.64 -6.05 -27.91
C VAL B 69 -12.53 -5.28 -26.60
N CYS B 70 -12.19 -4.00 -26.71
CA CYS B 70 -12.13 -3.09 -25.57
C CYS B 70 -12.86 -1.82 -25.95
N GLY B 71 -14.09 -1.67 -25.46
CA GLY B 71 -14.85 -0.47 -25.68
C GLY B 71 -15.99 -0.65 -26.66
N PRO B 72 -16.58 0.47 -27.09
CA PRO B 72 -17.74 0.39 -27.98
C PRO B 72 -17.37 -0.13 -29.36
N VAL B 73 -18.36 -0.75 -30.01
CA VAL B 73 -18.22 -1.24 -31.38
C VAL B 73 -19.24 -0.49 -32.22
N TYR B 74 -18.77 0.32 -33.15
CA TYR B 74 -19.62 1.11 -34.03
C TYR B 74 -19.57 0.52 -35.44
N CYS B 75 -20.70 -0.03 -35.89
CA CYS B 75 -20.86 -0.42 -37.29
C CYS B 75 -21.46 0.75 -38.05
N PHE B 76 -20.93 0.99 -39.24
CA PHE B 76 -21.26 2.18 -40.02
C PHE B 76 -22.12 1.78 -41.20
N THR B 77 -23.44 1.83 -40.98
CA THR B 77 -24.41 2.00 -42.06
C THR B 77 -24.17 3.42 -42.60
N PRO B 78 -24.98 3.92 -43.54
CA PRO B 78 -24.88 5.34 -43.89
C PRO B 78 -24.77 6.24 -42.66
N SER B 79 -25.40 5.86 -41.55
CA SER B 79 -25.28 6.53 -40.27
C SER B 79 -24.67 5.58 -39.23
N PRO B 80 -24.03 6.11 -38.19
CA PRO B 80 -23.37 5.24 -37.21
C PRO B 80 -24.35 4.56 -36.26
N VAL B 81 -24.03 3.32 -35.89
CA VAL B 81 -24.88 2.51 -35.01
C VAL B 81 -23.98 1.79 -34.00
N VAL B 82 -24.49 1.63 -32.78
CA VAL B 82 -23.78 0.93 -31.71
C VAL B 82 -24.13 -0.54 -31.75
N VAL B 83 -23.12 -1.40 -31.61
CA VAL B 83 -23.31 -2.85 -31.53
C VAL B 83 -22.96 -3.29 -30.12
N GLY B 84 -23.82 -4.12 -29.52
CA GLY B 84 -23.61 -4.65 -28.20
C GLY B 84 -23.24 -6.12 -28.22
N THR B 85 -22.79 -6.61 -27.07
CA THR B 85 -22.38 -8.01 -26.95
C THR B 85 -23.61 -8.92 -27.00
N THR B 86 -23.58 -9.89 -27.91
CA THR B 86 -24.62 -10.89 -28.06
C THR B 86 -23.97 -12.27 -28.10
N ASP B 87 -24.81 -13.30 -28.30
CA ASP B 87 -24.32 -14.64 -28.58
C ASP B 87 -24.42 -14.90 -30.08
N LYS B 88 -24.24 -16.17 -30.47
CA LYS B 88 -24.28 -16.50 -31.89
C LYS B 88 -25.68 -16.34 -32.47
N LEU B 89 -26.71 -16.65 -31.69
CA LEU B 89 -28.07 -16.48 -32.18
C LEU B 89 -28.44 -15.01 -32.34
N GLY B 90 -27.83 -14.13 -31.55
CA GLY B 90 -28.22 -12.73 -31.49
C GLY B 90 -28.82 -12.30 -30.16
N ILE B 91 -28.98 -13.20 -29.19
CA ILE B 91 -29.50 -12.86 -27.87
C ILE B 91 -28.48 -11.97 -27.15
N PRO B 92 -28.87 -10.78 -26.70
CA PRO B 92 -27.90 -9.91 -26.01
C PRO B 92 -27.38 -10.54 -24.73
N THR B 93 -26.08 -10.40 -24.52
CA THR B 93 -25.42 -10.88 -23.32
C THR B 93 -24.97 -9.69 -22.48
N TYR B 94 -24.88 -9.90 -21.17
CA TYR B 94 -24.57 -8.85 -20.22
C TYR B 94 -23.37 -9.22 -19.36
N ASN B 95 -22.36 -9.83 -19.97
CA ASN B 95 -21.17 -10.30 -19.27
C ASN B 95 -19.94 -9.45 -19.57
N TRP B 96 -20.14 -8.22 -20.05
CA TRP B 96 -19.05 -7.31 -20.43
C TRP B 96 -18.14 -7.91 -21.49
N GLY B 97 -18.63 -8.88 -22.25
CA GLY B 97 -17.80 -9.52 -23.25
C GLY B 97 -16.67 -10.35 -22.71
N GLU B 98 -16.92 -11.12 -21.64
CA GLU B 98 -15.90 -11.93 -21.00
C GLU B 98 -16.02 -13.42 -21.33
N ASN B 99 -17.24 -13.96 -21.32
CA ASN B 99 -17.44 -15.35 -21.72
C ASN B 99 -17.04 -15.52 -23.19
N GLU B 100 -16.42 -16.66 -23.49
CA GLU B 100 -15.94 -16.92 -24.85
C GLU B 100 -17.08 -16.98 -25.86
N THR B 101 -18.30 -17.24 -25.42
CA THR B 101 -19.46 -17.27 -26.31
C THR B 101 -19.88 -15.87 -26.76
N ASP B 102 -19.36 -14.81 -26.13
CA ASP B 102 -19.74 -13.45 -26.50
C ASP B 102 -19.11 -13.08 -27.84
N VAL B 103 -19.91 -12.49 -28.72
CA VAL B 103 -19.51 -12.19 -30.08
C VAL B 103 -20.25 -10.92 -30.54
N PHE B 104 -19.78 -10.35 -31.65
CA PHE B 104 -20.41 -9.20 -32.28
C PHE B 104 -20.89 -9.59 -33.67
N MET B 105 -22.20 -9.53 -33.90
CA MET B 105 -22.80 -9.92 -35.17
C MET B 105 -22.77 -8.71 -36.11
N LEU B 106 -21.61 -8.46 -36.70
CA LEU B 106 -21.46 -7.34 -37.63
C LEU B 106 -22.11 -7.61 -38.97
N GLU B 107 -22.27 -8.89 -39.34
CA GLU B 107 -22.93 -9.23 -40.60
C GLU B 107 -24.41 -8.89 -40.58
N SER B 108 -25.05 -8.99 -39.41
CA SER B 108 -26.48 -8.73 -39.28
C SER B 108 -26.83 -7.26 -39.42
N LEU B 109 -25.85 -6.36 -39.32
CA LEU B 109 -26.07 -4.94 -39.42
C LEU B 109 -25.91 -4.41 -40.85
N ARG B 110 -25.69 -5.28 -41.81
CA ARG B 110 -25.44 -4.83 -43.18
C ARG B 110 -26.72 -4.31 -43.82
N PRO B 111 -26.64 -3.27 -44.64
CA PRO B 111 -27.82 -2.83 -45.39
C PRO B 111 -28.26 -3.91 -46.37
N PRO B 112 -29.56 -4.22 -46.42
CA PRO B 112 -30.02 -5.27 -47.34
C PRO B 112 -29.86 -4.88 -48.81
N THR B 113 -29.85 -3.59 -49.12
CA THR B 113 -29.76 -3.13 -50.50
C THR B 113 -28.35 -3.23 -51.07
N GLY B 114 -27.36 -3.56 -50.25
CA GLY B 114 -26.01 -3.79 -50.73
C GLY B 114 -25.12 -2.56 -50.81
N GLY B 115 -25.43 -1.51 -50.05
CA GLY B 115 -24.61 -0.32 -50.07
C GLY B 115 -23.28 -0.51 -49.36
N TRP B 116 -22.54 0.58 -49.26
CA TRP B 116 -21.26 0.56 -48.56
C TRP B 116 -21.48 0.27 -47.07
N PHE B 117 -20.52 -0.43 -46.48
CA PHE B 117 -20.66 -0.91 -45.11
C PHE B 117 -19.30 -1.07 -44.46
N GLY B 118 -19.23 -0.79 -43.17
CA GLY B 118 -17.99 -0.92 -42.42
C GLY B 118 -18.22 -0.77 -40.94
N CYS B 119 -17.28 -1.30 -40.15
CA CYS B 119 -17.35 -1.27 -38.71
C CYS B 119 -15.96 -1.06 -38.13
N THR B 120 -15.89 -0.45 -36.95
CA THR B 120 -14.62 -0.20 -36.27
C THR B 120 -14.77 -0.48 -34.79
N TRP B 121 -13.63 -0.73 -34.15
CA TRP B 121 -13.56 -0.95 -32.71
C TRP B 121 -12.10 -0.86 -32.30
N MET B 122 -11.85 -1.01 -31.00
CA MET B 122 -10.52 -1.01 -30.42
C MET B 122 -10.26 -2.38 -29.80
N ASN B 123 -9.12 -2.97 -30.14
CA ASN B 123 -8.80 -4.27 -29.56
C ASN B 123 -8.05 -4.09 -28.24
N SER B 124 -7.74 -5.21 -27.58
CA SER B 124 -7.39 -5.18 -26.17
C SER B 124 -6.19 -4.28 -25.87
N THR B 125 -5.26 -4.13 -26.81
CA THR B 125 -4.02 -3.41 -26.57
C THR B 125 -3.99 -2.04 -27.24
N GLY B 126 -5.15 -1.45 -27.48
CA GLY B 126 -5.21 -0.08 -27.93
C GLY B 126 -5.03 0.15 -29.41
N PHE B 127 -5.30 -0.86 -30.24
CA PHE B 127 -5.18 -0.74 -31.69
C PHE B 127 -6.56 -0.65 -32.32
N THR B 128 -6.74 0.34 -33.18
CA THR B 128 -8.00 0.49 -33.90
C THR B 128 -8.12 -0.59 -34.97
N LYS B 129 -9.21 -1.35 -34.91
CA LYS B 129 -9.49 -2.39 -35.89
C LYS B 129 -10.65 -1.98 -36.79
N THR B 130 -10.58 -2.42 -38.04
CA THR B 130 -11.57 -2.08 -39.04
C THR B 130 -12.00 -3.33 -39.80
N CYS B 131 -13.18 -3.25 -40.40
CA CYS B 131 -13.67 -4.30 -41.28
C CYS B 131 -14.58 -3.65 -42.33
N GLY B 132 -14.54 -4.17 -43.55
CA GLY B 132 -15.40 -3.66 -44.59
C GLY B 132 -15.08 -4.30 -45.93
N ALA B 133 -15.69 -3.75 -46.97
CA ALA B 133 -15.49 -4.24 -48.31
C ALA B 133 -14.18 -3.68 -48.89
N PRO B 134 -13.48 -4.46 -49.72
CA PRO B 134 -12.26 -3.95 -50.36
C PRO B 134 -12.58 -2.79 -51.28
N PRO B 135 -11.78 -1.71 -51.25
CA PRO B 135 -12.04 -0.57 -52.13
C PRO B 135 -11.94 -0.92 -53.60
N GLY B 136 -13.07 -0.89 -54.32
CA GLY B 136 -13.05 -1.13 -55.74
C GLY B 136 -12.41 -0.02 -56.56
N GLY B 137 -12.18 1.14 -55.97
CA GLY B 137 -11.54 2.25 -56.64
C GLY B 137 -11.29 3.40 -55.70
N PRO B 138 -10.78 4.52 -56.24
CA PRO B 138 -10.59 5.71 -55.39
C PRO B 138 -11.90 6.38 -55.02
N THR B 139 -12.93 6.27 -55.87
CA THR B 139 -14.24 6.83 -55.57
C THR B 139 -15.01 6.00 -54.55
N ASP B 140 -14.70 4.70 -54.43
CA ASP B 140 -15.43 3.82 -53.53
C ASP B 140 -15.01 4.10 -52.09
N GLY B 141 -15.65 3.40 -51.14
CA GLY B 141 -15.43 3.64 -49.74
C GLY B 141 -14.30 2.80 -49.15
N GLY B 142 -13.83 3.24 -47.99
CA GLY B 142 -12.75 2.58 -47.29
C GLY B 142 -13.23 1.40 -46.47
N SER B 143 -12.44 1.08 -45.45
CA SER B 143 -12.72 -0.09 -44.64
C SER B 143 -13.51 0.25 -43.38
N GLY B 144 -13.10 1.28 -42.64
CA GLY B 144 -13.76 1.63 -41.40
C GLY B 144 -15.00 2.47 -41.61
N PRO B 145 -15.02 3.65 -41.01
CA PRO B 145 -16.05 4.66 -41.32
C PRO B 145 -15.71 5.53 -42.52
N TRP B 146 -14.68 5.16 -43.27
CA TRP B 146 -14.22 5.95 -44.40
C TRP B 146 -15.19 5.83 -45.58
N ILE B 147 -16.17 6.72 -45.63
CA ILE B 147 -17.03 6.80 -46.81
C ILE B 147 -16.22 7.21 -48.04
N THR B 148 -15.36 8.19 -47.86
CA THR B 148 -14.37 8.68 -48.81
C THR B 148 -12.97 8.44 -48.25
N PRO B 149 -11.96 8.21 -49.10
CA PRO B 149 -10.58 8.27 -48.61
C PRO B 149 -10.23 9.58 -47.92
N ARG B 150 -11.08 10.60 -48.02
CA ARG B 150 -10.87 11.88 -47.37
C ARG B 150 -11.82 12.15 -46.21
N CYS B 151 -13.02 11.56 -46.22
CA CYS B 151 -14.04 11.84 -45.20
C CYS B 151 -14.25 10.64 -44.29
N LEU B 152 -14.83 10.91 -43.13
CA LEU B 152 -15.02 9.90 -42.09
C LEU B 152 -16.30 10.19 -41.33
N VAL B 153 -17.07 9.15 -41.05
CA VAL B 153 -18.36 9.32 -40.37
C VAL B 153 -18.12 9.72 -38.93
N ASP B 154 -18.71 10.84 -38.52
CA ASP B 154 -18.57 11.30 -37.14
C ASP B 154 -19.43 10.43 -36.22
N TYR B 155 -18.86 10.01 -35.10
CA TYR B 155 -19.55 9.23 -34.09
C TYR B 155 -18.89 9.49 -32.75
N PRO B 156 -19.61 9.23 -31.63
CA PRO B 156 -19.13 9.69 -30.31
C PRO B 156 -17.70 9.31 -29.95
N TYR B 157 -17.17 8.23 -30.55
CA TYR B 157 -15.82 7.76 -30.23
C TYR B 157 -14.89 7.83 -31.44
N ARG B 158 -15.10 8.81 -32.32
CA ARG B 158 -14.23 8.93 -33.49
C ARG B 158 -12.81 9.29 -33.09
N LEU B 159 -12.66 10.29 -32.21
CA LEU B 159 -11.34 10.77 -31.84
C LEU B 159 -10.60 9.78 -30.94
N TRP B 160 -11.31 8.84 -30.33
CA TRP B 160 -10.62 7.79 -29.58
C TRP B 160 -10.05 6.73 -30.52
N HIS B 161 -10.86 6.28 -31.48
CA HIS B 161 -10.37 5.30 -32.45
C HIS B 161 -9.44 5.95 -33.47
N TYR B 162 -9.66 7.22 -33.79
CA TYR B 162 -8.90 7.93 -34.82
C TYR B 162 -8.47 9.30 -34.28
N PRO B 163 -7.33 9.36 -33.60
CA PRO B 163 -6.89 10.66 -33.06
C PRO B 163 -6.46 11.65 -34.12
N CYS B 164 -5.99 11.17 -35.28
CA CYS B 164 -5.45 12.07 -36.29
C CYS B 164 -6.51 12.86 -37.03
N THR B 165 -7.79 12.58 -36.80
CA THR B 165 -8.88 13.25 -37.49
C THR B 165 -9.50 14.38 -36.66
N VAL B 166 -8.78 14.89 -35.66
CA VAL B 166 -9.33 15.95 -34.81
C VAL B 166 -9.52 17.22 -35.62
N ASN B 167 -8.53 17.60 -36.41
CA ASN B 167 -8.58 18.84 -37.20
C ASN B 167 -9.39 18.70 -38.48
N PHE B 168 -10.17 17.63 -38.63
CA PHE B 168 -11.00 17.47 -39.81
C PHE B 168 -12.27 18.29 -39.68
N THR B 169 -12.80 18.73 -40.81
CA THR B 169 -13.99 19.56 -40.86
C THR B 169 -15.24 18.70 -40.92
N LEU B 170 -16.26 19.09 -40.17
CA LEU B 170 -17.52 18.35 -40.13
C LEU B 170 -18.50 18.95 -41.13
N HIS B 171 -19.17 18.08 -41.87
CA HIS B 171 -20.20 18.49 -42.83
C HIS B 171 -21.46 17.67 -42.59
N LYS B 172 -22.59 18.36 -42.46
CA LYS B 172 -23.85 17.67 -42.28
C LYS B 172 -24.31 17.04 -43.59
N VAL B 173 -24.77 15.80 -43.52
CA VAL B 173 -25.07 15.01 -44.71
C VAL B 173 -26.50 14.49 -44.63
N ARG B 174 -27.25 14.66 -45.72
CA ARG B 174 -28.58 14.09 -45.88
C ARG B 174 -28.63 13.34 -47.20
N MET B 175 -29.02 12.07 -47.16
CA MET B 175 -29.13 11.29 -48.39
C MET B 175 -30.01 10.08 -48.14
N PHE B 176 -30.66 9.62 -49.21
CA PHE B 176 -31.49 8.42 -49.18
C PHE B 176 -30.68 7.24 -49.74
N VAL B 177 -30.49 6.21 -48.93
CA VAL B 177 -29.73 5.04 -49.31
C VAL B 177 -30.63 3.83 -49.09
N GLY B 178 -30.93 3.12 -50.18
CA GLY B 178 -31.83 1.97 -50.11
C GLY B 178 -33.25 2.27 -49.68
N GLY B 179 -33.66 3.53 -49.66
CA GLY B 179 -35.00 3.93 -49.26
C GLY B 179 -35.04 4.72 -47.97
N ILE B 180 -34.10 4.47 -47.05
CA ILE B 180 -34.09 5.12 -45.74
C ILE B 180 -33.37 6.46 -45.84
N GLU B 181 -33.88 7.44 -45.09
CA GLU B 181 -33.16 8.69 -44.89
C GLU B 181 -32.07 8.50 -43.85
N HIS B 182 -30.95 9.18 -44.05
CA HIS B 182 -29.80 9.05 -43.15
C HIS B 182 -29.20 10.44 -42.92
N ARG B 183 -29.28 10.90 -41.67
CA ARG B 183 -28.65 12.15 -41.26
C ARG B 183 -27.42 11.83 -40.42
N PHE B 184 -26.27 12.33 -40.86
CA PHE B 184 -25.01 12.08 -40.17
C PHE B 184 -23.99 13.13 -40.62
N ASP B 185 -22.89 13.19 -39.90
CA ASP B 185 -21.82 14.14 -40.19
C ASP B 185 -20.57 13.40 -40.63
N ALA B 186 -19.83 14.03 -41.56
CA ALA B 186 -18.60 13.48 -42.10
C ALA B 186 -17.44 14.40 -41.76
N ALA B 187 -16.30 13.80 -41.41
CA ALA B 187 -15.10 14.54 -41.05
C ALA B 187 -14.08 14.42 -42.18
N CYS B 188 -13.83 15.53 -42.87
CA CYS B 188 -12.92 15.58 -44.00
C CYS B 188 -11.83 16.62 -43.74
N ASN B 189 -10.78 16.56 -44.54
CA ASN B 189 -9.63 17.47 -44.40
C ASN B 189 -10.04 18.92 -44.52
N LEU C 2 -1.81 -14.52 -6.39
CA LEU C 2 -0.41 -14.21 -6.64
C LEU C 2 0.31 -13.75 -5.37
N THR C 3 1.55 -14.21 -5.20
CA THR C 3 2.36 -13.89 -4.04
C THR C 3 3.63 -13.18 -4.49
N LEU C 4 3.91 -12.03 -3.87
CA LEU C 4 5.11 -11.26 -4.16
C LEU C 4 6.07 -11.38 -2.98
N THR C 5 7.29 -11.86 -3.24
CA THR C 5 8.31 -12.05 -2.23
C THR C 5 9.48 -11.12 -2.54
N GLN C 6 9.73 -10.17 -1.64
CA GLN C 6 10.83 -9.23 -1.83
C GLN C 6 12.09 -9.75 -1.15
N SER C 7 13.25 -9.35 -1.69
CA SER C 7 14.53 -9.79 -1.18
C SER C 7 15.55 -8.71 -1.42
N PRO C 8 16.39 -8.38 -0.43
CA PRO C 8 16.33 -9.02 0.89
C PRO C 8 15.36 -8.29 1.82
N GLY C 9 15.19 -8.81 3.04
CA GLY C 9 14.37 -8.13 4.02
C GLY C 9 14.91 -6.75 4.35
N THR C 10 16.22 -6.66 4.54
CA THR C 10 16.89 -5.39 4.80
C THR C 10 18.08 -5.24 3.87
N LEU C 11 18.27 -4.03 3.35
CA LEU C 11 19.40 -3.71 2.48
C LEU C 11 20.23 -2.62 3.15
N SER C 12 21.52 -2.86 3.30
CA SER C 12 22.41 -1.99 4.07
C SER C 12 23.45 -1.40 3.13
N LEU C 13 23.33 -0.11 2.84
CA LEU C 13 24.24 0.58 1.94
C LEU C 13 24.57 1.97 2.49
N SER C 14 25.63 2.56 1.94
CA SER C 14 26.11 3.88 2.30
C SER C 14 25.57 4.93 1.35
N PRO C 15 25.51 6.20 1.77
CA PRO C 15 25.06 7.26 0.85
C PRO C 15 25.96 7.36 -0.37
N GLY C 16 25.38 7.16 -1.54
CA GLY C 16 26.09 7.20 -2.80
C GLY C 16 26.16 5.87 -3.52
N LYS C 17 26.00 4.76 -2.80
CA LYS C 17 26.05 3.45 -3.42
C LYS C 17 24.74 3.18 -4.18
N ARG C 18 24.68 2.03 -4.84
CA ARG C 18 23.57 1.65 -5.69
C ARG C 18 22.73 0.58 -5.00
N ALA C 19 21.41 0.78 -4.98
CA ALA C 19 20.49 -0.17 -4.39
C ALA C 19 19.75 -0.92 -5.50
N THR C 20 19.68 -2.23 -5.38
CA THR C 20 18.93 -3.09 -6.29
C THR C 20 18.04 -4.00 -5.46
N LEU C 21 16.75 -3.68 -5.41
CA LEU C 21 15.76 -4.46 -4.70
C LEU C 21 15.08 -5.44 -5.64
N SER C 22 14.77 -6.63 -5.14
CA SER C 22 14.23 -7.70 -5.96
C SER C 22 12.81 -8.04 -5.51
N CYS C 23 11.91 -8.15 -6.47
CA CYS C 23 10.53 -8.59 -6.25
C CYS C 23 10.28 -9.81 -7.10
N ARG C 24 9.93 -10.92 -6.47
CA ARG C 24 9.81 -12.21 -7.14
C ARG C 24 8.39 -12.74 -6.95
N ALA C 25 7.67 -12.92 -8.05
CA ALA C 25 6.28 -13.35 -8.02
C ALA C 25 6.17 -14.86 -8.01
N SER C 26 5.20 -15.37 -7.26
CA SER C 26 4.98 -16.82 -7.23
C SER C 26 4.45 -17.33 -8.57
N GLN C 27 3.67 -16.51 -9.26
CA GLN C 27 3.15 -16.84 -10.58
C GLN C 27 3.48 -15.71 -11.53
N SER C 28 3.60 -16.05 -12.81
CA SER C 28 3.93 -15.04 -13.81
C SER C 28 2.88 -13.92 -13.82
N VAL C 29 3.35 -12.69 -13.97
CA VAL C 29 2.48 -11.51 -13.85
C VAL C 29 1.88 -11.21 -15.22
N SER C 30 1.93 -12.19 -16.13
CA SER C 30 1.32 -12.10 -17.46
C SER C 30 1.89 -10.85 -18.14
N GLY C 31 1.05 -10.00 -18.72
CA GLY C 31 1.52 -8.69 -19.13
C GLY C 31 1.91 -7.90 -17.90
N SER C 32 3.19 -7.53 -17.80
CA SER C 32 3.75 -6.97 -16.58
C SER C 32 3.01 -5.73 -16.09
N TYR C 33 2.28 -5.90 -15.00
CA TYR C 33 1.54 -4.81 -14.34
C TYR C 33 2.07 -4.66 -12.93
N LEU C 34 3.32 -4.23 -12.80
CA LEU C 34 3.98 -4.13 -11.51
C LEU C 34 4.26 -2.67 -11.18
N ALA C 35 4.18 -2.35 -9.89
CA ALA C 35 4.42 -1.01 -9.39
C ALA C 35 5.32 -1.08 -8.16
N TRP C 36 6.06 0.01 -7.93
CA TRP C 36 6.93 0.15 -6.78
C TRP C 36 6.54 1.39 -5.97
N TYR C 37 6.52 1.24 -4.65
CA TYR C 37 6.19 2.33 -3.74
C TYR C 37 7.24 2.39 -2.64
N GLN C 38 7.45 3.60 -2.10
CA GLN C 38 8.26 3.77 -0.92
C GLN C 38 7.42 4.39 0.19
N GLN C 39 7.76 4.05 1.43
CA GLN C 39 7.05 4.55 2.60
C GLN C 39 8.08 5.04 3.62
N LYS C 40 8.17 6.35 3.77
CA LYS C 40 9.01 6.91 4.80
C LYS C 40 8.34 6.72 6.17
N PRO C 41 9.13 6.66 7.25
CA PRO C 41 8.55 6.42 8.58
C PRO C 41 7.51 7.47 8.93
N GLY C 42 6.28 7.02 9.14
CA GLY C 42 5.17 7.91 9.46
C GLY C 42 4.67 8.73 8.29
N GLN C 43 4.57 8.12 7.11
CA GLN C 43 4.09 8.83 5.92
C GLN C 43 3.29 7.87 5.05
N ALA C 44 2.50 8.45 4.15
CA ALA C 44 1.75 7.67 3.17
C ALA C 44 2.68 7.20 2.05
N PRO C 45 2.36 6.07 1.43
CA PRO C 45 3.22 5.58 0.33
C PRO C 45 3.20 6.51 -0.87
N ARG C 46 4.33 6.56 -1.56
CA ARG C 46 4.47 7.36 -2.77
C ARG C 46 4.79 6.43 -3.94
N LEU C 47 4.05 6.60 -5.04
CA LEU C 47 4.28 5.78 -6.22
C LEU C 47 5.60 6.20 -6.89
N LEU C 48 6.54 5.26 -6.97
CA LEU C 48 7.82 5.51 -7.62
C LEU C 48 7.84 5.02 -9.05
N ILE C 49 7.39 3.79 -9.29
CA ILE C 49 7.50 3.12 -10.58
C ILE C 49 6.19 2.42 -10.88
N TYR C 50 5.75 2.50 -12.13
CA TYR C 50 4.53 1.83 -12.57
C TYR C 50 4.79 1.12 -13.89
N GLY C 51 4.08 0.01 -14.10
CA GLY C 51 4.24 -0.76 -15.32
C GLY C 51 5.65 -1.25 -15.56
N ALA C 52 6.19 -1.97 -14.58
CA ALA C 52 7.54 -2.54 -14.64
C ALA C 52 8.62 -1.47 -14.78
N SER C 53 8.83 -0.96 -15.99
CA SER C 53 9.95 -0.08 -16.27
C SER C 53 9.63 1.41 -16.13
N ASN C 54 8.36 1.79 -16.31
CA ASN C 54 8.04 3.20 -16.45
C ASN C 54 8.11 3.92 -15.10
N ARG C 55 8.57 5.17 -15.12
CA ARG C 55 8.75 5.96 -13.93
C ARG C 55 7.56 6.90 -13.74
N ALA C 56 7.15 7.07 -12.49
CA ALA C 56 6.03 7.96 -12.18
C ALA C 56 6.45 9.41 -12.27
N THR C 57 5.48 10.27 -12.57
CA THR C 57 5.76 11.69 -12.75
C THR C 57 6.20 12.32 -11.43
N GLY C 58 7.25 13.14 -11.49
CA GLY C 58 7.82 13.75 -10.32
C GLY C 58 8.90 12.93 -9.65
N ILE C 59 8.97 11.63 -9.92
CA ILE C 59 9.97 10.77 -9.29
C ILE C 59 11.33 11.06 -9.92
N PRO C 60 12.39 11.26 -9.13
CA PRO C 60 13.70 11.59 -9.70
C PRO C 60 14.23 10.47 -10.58
N HIS C 61 15.19 10.85 -11.44
CA HIS C 61 15.71 9.93 -12.44
C HIS C 61 16.52 8.79 -11.85
N ARG C 62 17.04 8.96 -10.63
CA ARG C 62 17.84 7.89 -10.01
C ARG C 62 17.04 6.63 -9.76
N PHE C 63 15.72 6.73 -9.65
CA PHE C 63 14.88 5.55 -9.50
C PHE C 63 14.65 4.88 -10.85
N SER C 64 14.74 3.56 -10.87
CA SER C 64 14.59 2.80 -12.10
C SER C 64 14.00 1.43 -11.79
N GLY C 65 13.13 0.95 -12.66
CA GLY C 65 12.52 -0.35 -12.52
C GLY C 65 12.78 -1.21 -13.74
N SER C 66 12.88 -2.51 -13.51
CA SER C 66 13.13 -3.45 -14.61
C SER C 66 12.63 -4.82 -14.20
N GLY C 67 12.44 -5.68 -15.20
CA GLY C 67 12.05 -7.06 -14.98
C GLY C 67 10.82 -7.43 -15.80
N SER C 68 10.60 -8.74 -15.88
CA SER C 68 9.44 -9.29 -16.55
C SER C 68 9.21 -10.71 -16.05
N GLY C 69 7.99 -11.20 -16.26
CA GLY C 69 7.66 -12.54 -15.83
C GLY C 69 7.53 -12.67 -14.32
N THR C 70 8.41 -13.48 -13.72
CA THR C 70 8.31 -13.75 -12.29
C THR C 70 9.24 -12.89 -11.45
N ASP C 71 10.29 -12.32 -12.03
CA ASP C 71 11.33 -11.61 -11.30
C ASP C 71 11.38 -10.17 -11.77
N PHE C 72 11.16 -9.24 -10.84
CA PHE C 72 11.23 -7.80 -11.09
C PHE C 72 12.27 -7.17 -10.20
N THR C 73 12.63 -5.92 -10.50
CA THR C 73 13.75 -5.26 -9.83
C THR C 73 13.52 -3.75 -9.82
N LEU C 74 13.78 -3.14 -8.66
CA LEU C 74 13.88 -1.70 -8.52
C LEU C 74 15.33 -1.33 -8.27
N THR C 75 15.80 -0.26 -8.94
CA THR C 75 17.19 0.14 -8.88
C THR C 75 17.28 1.62 -8.53
N ILE C 76 18.00 1.93 -7.45
CA ILE C 76 18.39 3.29 -7.10
C ILE C 76 19.87 3.42 -7.42
N SER C 77 20.18 4.19 -8.47
CA SER C 77 21.55 4.23 -8.98
C SER C 77 22.51 4.84 -7.96
N ARG C 78 22.11 5.95 -7.34
CA ARG C 78 22.91 6.62 -6.32
C ARG C 78 22.01 6.96 -5.14
N LEU C 79 22.30 6.37 -3.99
CA LEU C 79 21.50 6.57 -2.79
C LEU C 79 21.77 7.94 -2.18
N GLU C 80 20.73 8.74 -2.04
CA GLU C 80 20.74 9.98 -1.30
C GLU C 80 20.24 9.74 0.12
N PRO C 81 20.49 10.68 1.04
CA PRO C 81 20.03 10.49 2.42
C PRO C 81 18.53 10.27 2.54
N GLU C 82 17.73 10.84 1.64
CA GLU C 82 16.28 10.72 1.76
C GLU C 82 15.78 9.33 1.41
N ASP C 83 16.50 8.61 0.54
CA ASP C 83 16.00 7.37 -0.02
C ASP C 83 15.97 6.21 0.98
N PHE C 84 16.56 6.37 2.16
CA PHE C 84 16.58 5.28 3.15
C PHE C 84 15.18 5.14 3.76
N ALA C 85 14.42 4.19 3.24
CA ALA C 85 13.05 3.95 3.71
C ALA C 85 12.66 2.53 3.33
N VAL C 86 11.38 2.21 3.47
CA VAL C 86 10.84 0.90 3.11
C VAL C 86 10.23 1.00 1.72
N TYR C 87 10.44 -0.03 0.90
CA TYR C 87 9.96 -0.07 -0.47
C TYR C 87 9.07 -1.29 -0.67
N TYR C 88 7.92 -1.08 -1.30
CA TYR C 88 6.95 -2.14 -1.58
C TYR C 88 6.78 -2.30 -3.08
N CYS C 89 6.78 -3.54 -3.55
CA CYS C 89 6.36 -3.85 -4.91
C CYS C 89 4.92 -4.33 -4.89
N GLN C 90 4.16 -3.93 -5.90
CA GLN C 90 2.73 -4.24 -5.96
C GLN C 90 2.39 -4.75 -7.35
N GLN C 91 1.49 -5.73 -7.40
CA GLN C 91 1.00 -6.31 -8.64
C GLN C 91 -0.47 -5.94 -8.81
N TYR C 92 -0.80 -5.32 -9.94
CA TYR C 92 -2.18 -5.02 -10.29
C TYR C 92 -2.63 -5.75 -11.56
N GLY C 93 -1.94 -6.83 -11.93
CA GLY C 93 -2.37 -7.62 -13.06
C GLY C 93 -3.63 -8.43 -12.75
N SER C 94 -3.65 -9.08 -11.60
CA SER C 94 -4.79 -9.82 -11.09
C SER C 94 -5.39 -9.04 -9.91
N SER C 95 -5.93 -9.76 -8.93
CA SER C 95 -6.39 -9.10 -7.72
C SER C 95 -5.21 -8.40 -7.05
N PRO C 96 -5.35 -7.13 -6.66
CA PRO C 96 -4.19 -6.39 -6.12
C PRO C 96 -3.57 -7.08 -4.92
N THR C 97 -2.25 -7.26 -4.98
CA THR C 97 -1.50 -7.87 -3.89
C THR C 97 -0.22 -7.08 -3.67
N PHE C 98 0.28 -7.12 -2.44
CA PHE C 98 1.52 -6.47 -2.05
C PHE C 98 2.51 -7.51 -1.55
N GLY C 99 3.79 -7.22 -1.77
CA GLY C 99 4.83 -7.96 -1.08
C GLY C 99 5.24 -7.26 0.20
N GLN C 100 5.85 -8.02 1.10
CA GLN C 100 6.39 -7.42 2.30
C GLN C 100 7.52 -6.45 1.92
N GLY C 101 7.68 -5.41 2.72
CA GLY C 101 8.61 -4.36 2.37
C GLY C 101 10.06 -4.82 2.41
N THR C 102 10.92 -3.95 1.88
CA THR C 102 12.36 -4.10 1.98
C THR C 102 12.91 -2.85 2.65
N ARG C 103 13.56 -3.03 3.80
CA ARG C 103 14.13 -1.90 4.52
C ARG C 103 15.50 -1.57 3.94
N VAL C 104 15.73 -0.29 3.66
CA VAL C 104 17.02 0.22 3.20
C VAL C 104 17.55 1.15 4.28
N ASP C 105 18.55 0.69 5.04
CA ASP C 105 19.15 1.47 6.10
C ASP C 105 20.62 1.75 5.81
N ILE C 106 21.22 2.58 6.65
CA ILE C 106 22.61 2.98 6.48
C ILE C 106 23.54 1.86 6.94
N LYS C 107 24.48 1.50 6.08
CA LYS C 107 25.49 0.50 6.40
C LYS C 107 26.53 1.10 7.35
N ARG C 108 27.01 0.27 8.28
CA ARG C 108 28.08 0.68 9.18
C ARG C 108 28.77 -0.56 9.71
N THR C 109 29.86 -0.34 10.45
CA THR C 109 30.58 -1.44 11.09
C THR C 109 29.66 -2.17 12.07
N VAL C 110 29.82 -3.49 12.15
CA VAL C 110 28.98 -4.29 13.02
C VAL C 110 29.25 -3.90 14.47
N ALA C 111 28.17 -3.64 15.22
CA ALA C 111 28.25 -3.30 16.62
C ALA C 111 27.43 -4.30 17.42
N ALA C 112 28.07 -4.97 18.38
CA ALA C 112 27.32 -5.90 19.24
C ALA C 112 26.55 -5.12 20.29
N PRO C 113 25.35 -5.58 20.67
CA PRO C 113 24.53 -4.79 21.59
C PRO C 113 25.08 -4.81 23.01
N SER C 114 24.92 -3.68 23.69
CA SER C 114 25.10 -3.63 25.14
C SER C 114 23.79 -4.08 25.79
N VAL C 115 23.87 -5.11 26.64
CA VAL C 115 22.70 -5.79 27.16
C VAL C 115 22.55 -5.47 28.64
N PHE C 116 21.33 -5.09 29.04
CA PHE C 116 20.99 -4.86 30.44
C PHE C 116 19.65 -5.52 30.73
N ILE C 117 19.50 -6.03 31.95
CA ILE C 117 18.24 -6.63 32.40
C ILE C 117 17.78 -5.90 33.65
N PHE C 118 16.49 -5.56 33.68
CA PHE C 118 15.90 -4.81 34.79
C PHE C 118 14.84 -5.66 35.47
N PRO C 119 14.95 -5.95 36.76
CA PRO C 119 13.86 -6.62 37.46
C PRO C 119 12.66 -5.70 37.58
N PRO C 120 11.49 -6.22 37.96
CA PRO C 120 10.36 -5.33 38.23
C PRO C 120 10.61 -4.49 39.47
N SER C 121 10.14 -3.25 39.43
CA SER C 121 10.30 -2.37 40.58
C SER C 121 9.36 -2.80 41.70
N ASP C 122 9.80 -2.55 42.94
CA ASP C 122 8.97 -2.90 44.09
C ASP C 122 7.65 -2.14 44.09
N GLU C 123 7.64 -0.93 43.53
CA GLU C 123 6.38 -0.21 43.39
C GLU C 123 5.41 -0.94 42.47
N GLN C 124 5.93 -1.49 41.36
CA GLN C 124 5.08 -2.26 40.46
C GLN C 124 4.59 -3.54 41.13
N LEU C 125 5.47 -4.20 41.91
CA LEU C 125 5.05 -5.38 42.66
C LEU C 125 3.97 -5.03 43.67
N LYS C 126 4.02 -3.81 44.23
CA LYS C 126 2.94 -3.38 45.11
C LYS C 126 1.62 -3.26 44.34
N SER C 127 1.70 -2.78 43.10
CA SER C 127 0.51 -2.67 42.26
C SER C 127 -0.08 -4.02 41.87
N GLY C 128 0.67 -5.11 42.04
CA GLY C 128 0.17 -6.44 41.78
C GLY C 128 0.62 -7.08 40.48
N THR C 129 1.45 -6.39 39.69
CA THR C 129 1.94 -6.95 38.44
C THR C 129 3.46 -6.85 38.41
N ALA C 130 4.07 -7.62 37.50
CA ALA C 130 5.52 -7.68 37.40
C ALA C 130 5.95 -7.65 35.94
N SER C 131 6.85 -6.74 35.61
CA SER C 131 7.42 -6.62 34.27
C SER C 131 8.93 -6.72 34.36
N VAL C 132 9.52 -7.63 33.58
CA VAL C 132 10.96 -7.78 33.47
C VAL C 132 11.38 -7.25 32.11
N VAL C 133 12.37 -6.37 32.10
CA VAL C 133 12.76 -5.65 30.89
C VAL C 133 14.21 -6.01 30.55
N CYS C 134 14.45 -6.34 29.29
CA CYS C 134 15.78 -6.60 28.77
C CYS C 134 16.07 -5.60 27.66
N LEU C 135 17.20 -4.92 27.77
CA LEU C 135 17.56 -3.84 26.86
C LEU C 135 18.71 -4.26 25.96
N LEU C 136 18.52 -4.07 24.65
CA LEU C 136 19.59 -4.20 23.66
C LEU C 136 19.90 -2.81 23.15
N ASN C 137 21.09 -2.31 23.45
CA ASN C 137 21.44 -0.91 23.24
C ASN C 137 22.50 -0.78 22.16
N ASN C 138 22.19 0.00 21.12
CA ASN C 138 23.16 0.49 20.14
C ASN C 138 23.91 -0.66 19.46
N PHE C 139 23.17 -1.41 18.64
CA PHE C 139 23.74 -2.51 17.87
C PHE C 139 23.47 -2.32 16.39
N TYR C 140 24.24 -3.05 15.58
CA TYR C 140 24.07 -3.07 14.13
C TYR C 140 24.60 -4.42 13.65
N PRO C 141 23.88 -5.11 12.73
CA PRO C 141 22.64 -4.68 12.08
C PRO C 141 21.37 -4.84 12.91
N ARG C 142 20.22 -4.54 12.29
CA ARG C 142 18.94 -4.50 12.99
C ARG C 142 18.49 -5.88 13.46
N GLU C 143 19.08 -6.96 12.93
CA GLU C 143 18.63 -8.31 13.23
C GLU C 143 19.20 -8.78 14.57
N ALA C 144 18.31 -9.09 15.51
CA ALA C 144 18.70 -9.58 16.82
C ALA C 144 17.61 -10.48 17.37
N LYS C 145 17.99 -11.43 18.21
CA LYS C 145 17.07 -12.38 18.81
C LYS C 145 17.21 -12.34 20.33
N VAL C 146 16.08 -12.37 21.02
CA VAL C 146 16.02 -12.34 22.48
C VAL C 146 15.26 -13.57 22.96
N GLN C 147 15.82 -14.25 23.97
CA GLN C 147 15.22 -15.46 24.51
C GLN C 147 15.18 -15.34 26.03
N TRP C 148 13.97 -15.28 26.58
CA TRP C 148 13.80 -15.21 28.02
C TRP C 148 13.87 -16.60 28.65
N LYS C 149 14.42 -16.65 29.87
CA LYS C 149 14.54 -17.91 30.61
C LYS C 149 14.26 -17.64 32.08
N VAL C 150 13.19 -18.25 32.59
CA VAL C 150 12.79 -18.13 33.99
C VAL C 150 13.00 -19.49 34.64
N ASP C 151 13.99 -19.57 35.54
CA ASP C 151 14.38 -20.83 36.17
C ASP C 151 14.67 -21.90 35.12
N ASN C 152 15.44 -21.51 34.10
CA ASN C 152 15.85 -22.35 32.97
C ASN C 152 14.69 -22.77 32.09
N ALA C 153 13.51 -22.18 32.27
CA ALA C 153 12.35 -22.50 31.45
C ALA C 153 12.27 -21.51 30.30
N LEU C 154 12.28 -22.02 29.07
CA LEU C 154 12.23 -21.18 27.88
C LEU C 154 10.86 -20.51 27.79
N GLN C 155 10.83 -19.19 27.96
CA GLN C 155 9.58 -18.45 27.88
C GLN C 155 9.19 -18.24 26.43
N SER C 156 7.90 -18.43 26.14
CA SER C 156 7.42 -18.33 24.77
C SER C 156 6.03 -17.73 24.79
N GLY C 157 5.85 -16.59 24.11
CA GLY C 157 4.55 -15.98 23.93
C GLY C 157 4.19 -14.91 24.94
N ASN C 158 4.92 -14.81 26.06
CA ASN C 158 4.60 -13.87 27.12
C ASN C 158 5.53 -12.66 27.14
N SER C 159 5.98 -12.20 25.97
CA SER C 159 6.83 -11.04 25.89
C SER C 159 6.56 -10.28 24.59
N GLN C 160 6.95 -9.02 24.58
CA GLN C 160 6.80 -8.15 23.42
C GLN C 160 8.05 -7.30 23.25
N GLU C 161 8.36 -6.95 22.01
CA GLU C 161 9.58 -6.23 21.67
C GLU C 161 9.26 -4.86 21.12
N SER C 162 10.25 -3.97 21.18
CA SER C 162 10.13 -2.63 20.63
C SER C 162 11.51 -2.16 20.17
N VAL C 163 11.59 -1.67 18.95
CA VAL C 163 12.86 -1.30 18.32
C VAL C 163 12.79 0.17 17.92
N THR C 164 13.85 0.92 18.23
CA THR C 164 13.93 2.30 17.79
C THR C 164 14.23 2.37 16.30
N GLU C 165 13.95 3.53 15.72
CA GLU C 165 14.41 3.80 14.37
C GLU C 165 15.93 3.96 14.36
N GLN C 166 16.52 3.80 13.18
CA GLN C 166 17.98 3.91 13.07
C GLN C 166 18.43 5.29 13.50
N ASP C 167 19.40 5.33 14.41
CA ASP C 167 19.82 6.58 15.02
C ASP C 167 20.51 7.47 14.00
N SER C 168 20.15 8.76 14.01
CA SER C 168 20.63 9.69 13.00
C SER C 168 22.13 9.96 13.10
N LYS C 169 22.75 9.68 14.24
CA LYS C 169 24.15 10.03 14.46
C LYS C 169 25.10 8.84 14.37
N ASP C 170 24.76 7.72 15.01
CA ASP C 170 25.64 6.55 14.98
C ASP C 170 25.07 5.37 14.20
N SER C 171 23.88 5.51 13.62
CA SER C 171 23.28 4.53 12.71
C SER C 171 23.01 3.18 13.36
N THR C 172 22.92 3.11 14.68
CA THR C 172 22.64 1.87 15.38
C THR C 172 21.15 1.75 15.70
N TYR C 173 20.76 0.53 16.05
CA TYR C 173 19.42 0.23 16.53
C TYR C 173 19.45 -0.15 17.99
N SER C 174 18.32 0.07 18.67
CA SER C 174 18.16 -0.34 20.06
C SER C 174 16.83 -1.05 20.23
N LEU C 175 16.81 -2.07 21.08
CA LEU C 175 15.64 -2.92 21.25
C LEU C 175 15.37 -3.12 22.74
N SER C 176 14.08 -3.17 23.09
CA SER C 176 13.64 -3.49 24.44
C SER C 176 12.62 -4.62 24.38
N SER C 177 12.84 -5.67 25.17
CA SER C 177 11.94 -6.80 25.27
C SER C 177 11.38 -6.85 26.68
N THR C 178 10.06 -6.75 26.79
CA THR C 178 9.38 -6.71 28.09
C THR C 178 8.71 -8.04 28.36
N LEU C 179 9.11 -8.70 29.44
CA LEU C 179 8.51 -9.96 29.88
C LEU C 179 7.44 -9.68 30.92
N THR C 180 6.22 -10.12 30.65
CA THR C 180 5.08 -9.87 31.53
C THR C 180 4.80 -11.11 32.36
N LEU C 181 4.87 -10.95 33.68
CA LEU C 181 4.57 -12.03 34.62
C LEU C 181 3.60 -11.52 35.68
N SER C 182 2.74 -12.43 36.13
CA SER C 182 1.91 -12.11 37.29
C SER C 182 2.80 -11.99 38.52
N LYS C 183 2.39 -11.15 39.47
CA LYS C 183 3.13 -11.03 40.71
C LYS C 183 3.25 -12.37 41.42
N ALA C 184 2.18 -13.18 41.38
CA ALA C 184 2.21 -14.50 42.00
C ALA C 184 3.27 -15.38 41.35
N ASP C 185 3.29 -15.43 40.01
CA ASP C 185 4.25 -16.28 39.32
C ASP C 185 5.69 -15.79 39.50
N TYR C 186 5.87 -14.47 39.61
CA TYR C 186 7.21 -13.93 39.76
C TYR C 186 7.85 -14.37 41.08
N GLU C 187 7.06 -14.45 42.15
CA GLU C 187 7.62 -14.83 43.45
C GLU C 187 8.02 -16.31 43.47
N LYS C 188 7.41 -17.13 42.62
CA LYS C 188 7.68 -18.56 42.65
C LYS C 188 9.07 -18.92 42.13
N HIS C 189 9.67 -18.07 41.31
CA HIS C 189 10.90 -18.40 40.62
C HIS C 189 12.02 -17.46 41.04
N LYS C 190 13.25 -17.93 40.87
CA LYS C 190 14.43 -17.25 41.40
C LYS C 190 15.26 -16.60 40.31
N VAL C 191 15.73 -17.36 39.32
CA VAL C 191 16.66 -16.88 38.30
C VAL C 191 15.89 -16.41 37.08
N TYR C 192 16.23 -15.21 36.60
CA TYR C 192 15.59 -14.61 35.44
C TYR C 192 16.67 -14.19 34.45
N ALA C 193 16.72 -14.86 33.30
CA ALA C 193 17.80 -14.67 32.34
C ALA C 193 17.28 -14.11 31.03
N CYS C 194 18.18 -13.45 30.29
CA CYS C 194 17.88 -12.87 28.98
C CYS C 194 19.07 -13.19 28.08
N GLU C 195 18.94 -14.22 27.25
CA GLU C 195 20.00 -14.59 26.31
C GLU C 195 19.81 -13.83 25.01
N VAL C 196 20.89 -13.28 24.48
CA VAL C 196 20.87 -12.38 23.33
C VAL C 196 21.78 -12.93 22.25
N THR C 197 21.24 -13.10 21.04
CA THR C 197 21.98 -13.59 19.89
C THR C 197 22.05 -12.49 18.84
N HIS C 198 23.27 -12.15 18.42
CA HIS C 198 23.48 -11.08 17.46
C HIS C 198 24.68 -11.41 16.61
N GLN C 199 24.72 -10.83 15.40
CA GLN C 199 25.84 -11.07 14.50
C GLN C 199 27.17 -10.58 15.09
N GLY C 200 27.12 -9.48 15.84
CA GLY C 200 28.31 -8.94 16.47
C GLY C 200 28.82 -9.69 17.68
N LEU C 201 28.13 -10.76 18.08
CA LEU C 201 28.52 -11.56 19.24
C LEU C 201 29.03 -12.91 18.76
N SER C 202 30.26 -13.25 19.17
CA SER C 202 30.80 -14.56 18.82
C SER C 202 29.98 -15.67 19.44
N SER C 203 29.45 -15.45 20.64
CA SER C 203 28.61 -16.40 21.35
C SER C 203 27.48 -15.63 22.03
N PRO C 204 26.31 -16.24 22.17
CA PRO C 204 25.19 -15.54 22.82
C PRO C 204 25.55 -15.08 24.23
N VAL C 205 25.12 -13.86 24.57
CA VAL C 205 25.37 -13.25 25.86
C VAL C 205 24.09 -13.31 26.68
N THR C 206 24.20 -13.76 27.93
CA THR C 206 23.06 -13.91 28.82
C THR C 206 23.25 -13.01 30.03
N LYS C 207 22.32 -12.08 30.23
CA LYS C 207 22.25 -11.30 31.45
C LYS C 207 21.16 -11.88 32.34
N SER C 208 21.44 -11.97 33.64
CA SER C 208 20.51 -12.61 34.55
C SER C 208 20.55 -11.95 35.92
N PHE C 209 19.52 -12.23 36.71
CA PHE C 209 19.46 -11.77 38.08
C PHE C 209 18.65 -12.77 38.90
N ASN C 210 18.86 -12.73 40.21
CA ASN C 210 18.08 -13.50 41.17
C ASN C 210 17.22 -12.56 42.00
N ARG C 211 16.05 -13.05 42.40
CA ARG C 211 15.18 -12.26 43.28
C ARG C 211 15.86 -11.98 44.60
N GLY C 212 16.32 -10.75 44.80
CA GLY C 212 17.02 -10.38 46.03
C GLY C 212 18.06 -9.29 45.83
C1 NAG D . -4.45 -5.90 -31.49
C2 NAG D . -3.93 -7.33 -31.55
C3 NAG D . -2.45 -7.36 -31.87
C4 NAG D . -2.17 -6.59 -33.15
C5 NAG D . -2.78 -5.18 -33.09
C6 NAG D . -2.73 -4.46 -34.42
C7 NAG D . -4.87 -9.21 -30.26
C8 NAG D . -5.05 -9.80 -28.90
N2 NAG D . -4.20 -8.05 -30.30
O3 NAG D . -2.01 -8.70 -32.00
O4 NAG D . -0.76 -6.44 -33.32
O5 NAG D . -4.17 -5.24 -32.72
O6 NAG D . -1.43 -4.48 -34.98
O7 NAG D . -5.29 -9.75 -31.27
C1 NAG D . -0.24 -7.34 -34.33
C2 NAG D . 1.11 -6.80 -34.79
C3 NAG D . 1.72 -7.75 -35.82
C4 NAG D . 1.80 -9.16 -35.28
C5 NAG D . 0.42 -9.61 -34.79
C6 NAG D . 0.45 -10.95 -34.10
C7 NAG D . 1.65 -4.41 -34.83
C8 NAG D . 1.42 -3.09 -35.53
N2 NAG D . 1.00 -5.46 -35.34
O3 NAG D . 3.03 -7.30 -36.19
O4 NAG D . 2.25 -10.06 -36.29
O5 NAG D . -0.09 -8.67 -33.83
O6 NAG D . 0.86 -11.99 -34.99
O7 NAG D . 2.39 -4.50 -33.86
C1 NAG E . -24.09 -6.90 -15.19
C2 NAG E . -24.65 -8.27 -14.81
C3 NAG E . -24.85 -8.35 -13.29
C4 NAG E . -23.54 -8.03 -12.59
C5 NAG E . -22.94 -6.71 -13.09
C6 NAG E . -21.56 -6.45 -12.56
C7 NAG E . -26.99 -7.77 -15.48
C8 NAG E . -28.16 -8.25 -16.29
N2 NAG E . -25.90 -8.56 -15.51
O3 NAG E . -25.29 -9.65 -12.94
O4 NAG E . -23.76 -7.93 -11.19
O5 NAG E . -22.84 -6.71 -14.52
O6 NAG E . -20.60 -7.30 -13.18
O7 NAG E . -27.03 -6.73 -14.83
C1 NAG F . -4.90 -9.85 -21.00
C2 NAG F . -4.24 -10.93 -21.86
C3 NAG F . -4.35 -12.28 -21.16
C4 NAG F . -3.80 -12.20 -19.75
C5 NAG F . -4.44 -11.03 -18.98
C6 NAG F . -3.83 -10.81 -17.62
C7 NAG F . -4.30 -11.56 -24.23
C8 NAG F . -5.09 -11.53 -25.50
N2 NAG F . -4.87 -10.98 -23.17
O3 NAG F . -3.65 -13.28 -21.90
O4 NAG F . -4.06 -13.40 -19.05
O5 NAG F . -4.27 -9.81 -19.72
O6 NAG F . -2.67 -9.99 -17.71
O7 NAG F . -3.20 -12.11 -24.17
C1 NAG G . -4.28 19.58 -35.11
C2 NAG G . -2.95 18.85 -35.10
C3 NAG G . -2.29 18.99 -33.72
C4 NAG G . -2.19 20.46 -33.32
C5 NAG G . -3.55 21.16 -33.48
C6 NAG G . -3.46 22.65 -33.27
C7 NAG G . -2.68 16.93 -36.60
C8 NAG G . -2.97 15.47 -36.81
N2 NAG G . -3.12 17.46 -35.46
O3 NAG G . -1.00 18.41 -33.75
O4 NAG G . -1.76 20.57 -31.98
O5 NAG G . -4.07 20.95 -34.80
O6 NAG G . -4.75 23.23 -33.13
O7 NAG G . -2.08 17.60 -37.43
#